data_6K0I
#
_entry.id   6K0I
#
_cell.length_a   70.359
_cell.length_b   70.359
_cell.length_c   322.553
_cell.angle_alpha   90.000
_cell.angle_beta   90.000
_cell.angle_gamma   120.000
#
_symmetry.space_group_name_H-M   'P 65 2 2'
#
loop_
_entity.id
_entity.type
_entity.pdbx_description
1 polymer 'UDP-glucose 4-epimerase'
2 non-polymer NICOTINAMIDE-ADENINE-DINUCLEOTIDE
3 non-polymer "URIDINE-5'-DIPHOSPHATE-GLUCOSE"
4 water water
#
_entity_poly.entity_id   1
_entity_poly.type   'polypeptide(L)'
_entity_poly.pdbx_seq_one_letter_code
;MTTVLVTGGAGFIATHTDIELLNKGYDVISVDNYGNSSPVALERVEQITGKPVKRYDGDVRDEALMERVFAENNIDWVIH
FAGLKAVGESVAKPIEYYDNNLYSTLVLLKVMKKHNVKKIIFSSSATVYGTPKELPITEETPTGGTTNPYGTSKLFQEQI
LRDVHVADPSWTIVLLRYFNPVGAHESGLLGEDPKGIPANLTPYVAKVAVGELKEVQVYGDDYDTPDGTGVRDYIHVVDL
AKGHVAVIDHIDKEGVFVYNLGTGHGYSVLEVIKAYEKAAGHPIPYAIKPRRPGDIAACYADASKAEKELGWKAELTIDD
MAASSLNWQTKNPNGFRDAE
;
_entity_poly.pdbx_strand_id   A
#
# COMPACT_ATOMS: atom_id res chain seq x y z
N THR A 2 -20.65 4.13 10.43
CA THR A 2 -20.02 3.12 9.52
C THR A 2 -18.70 2.64 10.13
N THR A 3 -18.58 1.32 10.30
CA THR A 3 -17.45 0.66 10.88
C THR A 3 -16.61 0.01 9.79
N VAL A 4 -15.30 0.28 9.82
CA VAL A 4 -14.37 -0.28 8.83
C VAL A 4 -13.40 -1.18 9.57
N LEU A 5 -13.31 -2.45 9.15
CA LEU A 5 -12.24 -3.33 9.56
C LEU A 5 -11.06 -3.15 8.61
N VAL A 6 -9.87 -2.86 9.18
CA VAL A 6 -8.68 -2.61 8.42
C VAL A 6 -7.71 -3.72 8.79
N THR A 7 -7.54 -4.74 7.90
CA THR A 7 -6.56 -5.74 8.14
C THR A 7 -5.18 -5.17 7.82
N GLY A 8 -4.12 -5.70 8.45
CA GLY A 8 -2.79 -5.04 8.37
C GLY A 8 -2.85 -3.59 8.85
N GLY A 9 -3.73 -3.34 9.83
CA GLY A 9 -4.21 -2.02 10.21
C GLY A 9 -3.13 -1.16 10.89
N ALA A 10 -1.95 -1.75 11.20
CA ALA A 10 -0.84 -1.02 11.81
C ALA A 10 0.28 -0.70 10.82
N GLY A 11 0.11 -1.11 9.55
CA GLY A 11 1.08 -0.89 8.52
C GLY A 11 1.16 0.52 7.98
N PHE A 12 2.04 0.70 7.01
CA PHE A 12 2.32 2.02 6.44
C PHE A 12 1.05 2.67 5.85
N ILE A 13 0.44 2.04 4.83
CA ILE A 13 -0.65 2.65 4.19
C ILE A 13 -1.89 2.60 5.09
N ALA A 14 -2.04 1.51 5.87
CA ALA A 14 -3.22 1.35 6.75
C ALA A 14 -3.26 2.48 7.79
N THR A 15 -2.13 2.82 8.40
CA THR A 15 -2.16 3.79 9.53
C THR A 15 -2.58 5.15 8.97
N HIS A 16 -2.09 5.55 7.79
CA HIS A 16 -2.49 6.79 7.13
C HIS A 16 -3.97 6.75 6.76
N THR A 17 -4.44 5.58 6.25
CA THR A 17 -5.84 5.42 5.96
C THR A 17 -6.68 5.52 7.23
N ASP A 18 -6.26 4.89 8.32
CA ASP A 18 -6.97 4.90 9.59
C ASP A 18 -7.23 6.36 10.01
N ILE A 19 -6.18 7.21 9.84
CA ILE A 19 -6.32 8.66 10.16
C ILE A 19 -7.42 9.32 9.33
N GLU A 20 -7.36 9.12 8.02
CA GLU A 20 -8.29 9.73 7.13
C GLU A 20 -9.71 9.22 7.39
N LEU A 21 -9.88 7.92 7.69
CA LEU A 21 -11.21 7.40 8.01
C LEU A 21 -11.73 8.03 9.31
N LEU A 22 -10.90 8.05 10.34
CA LEU A 22 -11.34 8.53 11.66
C LEU A 22 -11.68 10.02 11.58
N ASN A 23 -10.94 10.78 10.76
CA ASN A 23 -11.17 12.22 10.64
C ASN A 23 -12.52 12.47 9.96
N LYS A 24 -13.04 11.47 9.22
CA LYS A 24 -14.25 11.62 8.44
C LYS A 24 -15.41 10.98 9.19
N GLY A 25 -15.19 10.58 10.42
CA GLY A 25 -16.19 10.08 11.38
C GLY A 25 -16.56 8.60 11.20
N TYR A 26 -15.72 7.82 10.52
CA TYR A 26 -15.86 6.35 10.50
C TYR A 26 -15.27 5.78 11.78
N ASP A 27 -15.71 4.57 12.19
CA ASP A 27 -15.15 3.87 13.27
C ASP A 27 -14.21 2.82 12.66
N VAL A 28 -13.10 2.59 13.32
CA VAL A 28 -12.01 1.79 12.74
C VAL A 28 -11.61 0.69 13.71
N ILE A 29 -11.50 -0.54 13.16
CA ILE A 29 -10.99 -1.70 13.84
C ILE A 29 -9.74 -2.18 13.09
N SER A 30 -8.68 -2.56 13.80
CA SER A 30 -7.41 -3.06 13.20
C SER A 30 -7.19 -4.50 13.58
N VAL A 31 -6.73 -5.30 12.60
CA VAL A 31 -6.14 -6.56 12.94
C VAL A 31 -4.76 -6.58 12.27
N ASP A 32 -3.75 -6.93 13.03
CA ASP A 32 -2.36 -6.93 12.50
C ASP A 32 -1.55 -7.92 13.31
N ASN A 33 -0.55 -8.57 12.69
CA ASN A 33 0.34 -9.51 13.44
C ASN A 33 1.71 -8.88 13.73
N TYR A 34 1.90 -7.62 13.35
CA TYR A 34 3.10 -6.80 13.59
C TYR A 34 4.35 -7.43 12.94
N GLY A 35 4.16 -8.20 11.87
CA GLY A 35 5.30 -8.73 11.19
C GLY A 35 6.12 -7.62 10.51
N ASN A 36 5.49 -6.49 10.09
CA ASN A 36 6.24 -5.43 9.46
C ASN A 36 5.85 -4.06 10.04
N SER A 37 5.43 -4.03 11.30
CA SER A 37 4.91 -2.80 11.89
C SER A 37 4.99 -2.90 13.41
N SER A 38 4.77 -1.76 14.07
CA SER A 38 4.68 -1.65 15.51
C SER A 38 3.28 -1.30 16.00
N PRO A 39 2.82 -1.87 17.12
CA PRO A 39 1.60 -1.44 17.82
C PRO A 39 1.63 0.04 18.19
N VAL A 40 2.84 0.61 18.35
CA VAL A 40 2.97 2.03 18.65
C VAL A 40 2.39 2.87 17.51
N ALA A 41 2.41 2.37 16.25
CA ALA A 41 1.84 3.15 15.17
C ALA A 41 0.37 3.45 15.44
N LEU A 42 -0.38 2.50 15.99
CA LEU A 42 -1.82 2.71 16.24
C LEU A 42 -2.00 3.71 17.40
N GLU A 43 -1.05 3.71 18.34
CA GLU A 43 -1.08 4.76 19.40
C GLU A 43 -0.94 6.16 18.78
N ARG A 44 -0.08 6.28 17.77
CA ARG A 44 0.12 7.56 17.08
C ARG A 44 -1.10 7.95 16.25
N VAL A 45 -1.81 6.96 15.61
CA VAL A 45 -3.01 7.29 14.91
C VAL A 45 -4.02 7.92 15.89
N GLU A 46 -4.13 7.32 17.05
CA GLU A 46 -5.09 7.79 18.07
C GLU A 46 -4.67 9.19 18.52
N GLN A 47 -3.36 9.38 18.66
CA GLN A 47 -2.84 10.69 19.13
C GLN A 47 -3.20 11.77 18.11
N ILE A 48 -2.95 11.50 16.83
CA ILE A 48 -3.21 12.45 15.78
C ILE A 48 -4.69 12.81 15.68
N THR A 49 -5.56 11.81 15.80
CA THR A 49 -6.97 12.00 15.51
C THR A 49 -7.77 12.36 16.76
N GLY A 50 -7.29 11.99 17.92
CA GLY A 50 -8.08 12.02 19.19
C GLY A 50 -9.21 10.99 19.20
N LYS A 51 -9.10 9.95 18.34
CA LYS A 51 -10.15 8.93 18.17
C LYS A 51 -9.53 7.58 18.46
N PRO A 52 -10.37 6.62 18.89
CA PRO A 52 -9.92 5.26 19.18
C PRO A 52 -9.75 4.40 17.91
N VAL A 53 -8.82 3.46 17.99
CA VAL A 53 -8.73 2.37 17.05
C VAL A 53 -8.90 1.11 17.85
N LYS A 54 -9.93 0.31 17.56
CA LYS A 54 -10.10 -0.91 18.30
C LYS A 54 -9.11 -1.94 17.76
N ARG A 55 -8.20 -2.40 18.59
CA ARG A 55 -7.00 -3.19 18.21
C ARG A 55 -7.20 -4.68 18.50
N TYR A 56 -6.97 -5.52 17.47
CA TYR A 56 -6.81 -6.94 17.62
C TYR A 56 -5.41 -7.33 17.13
N ASP A 57 -4.76 -8.21 17.88
CA ASP A 57 -3.42 -8.67 17.60
C ASP A 57 -3.47 -10.12 17.13
N GLY A 58 -3.02 -10.35 15.90
CA GLY A 58 -2.97 -11.70 15.41
C GLY A 58 -3.04 -11.76 13.90
N ASP A 59 -3.17 -12.99 13.41
CA ASP A 59 -2.98 -13.30 12.03
C ASP A 59 -4.35 -13.44 11.37
N VAL A 60 -4.50 -12.82 10.19
CA VAL A 60 -5.73 -12.88 9.41
C VAL A 60 -6.00 -14.34 8.98
N ARG A 61 -4.98 -15.20 8.96
CA ARG A 61 -5.21 -16.63 8.65
C ARG A 61 -5.75 -17.43 9.84
N ASP A 62 -5.85 -16.80 11.03
CA ASP A 62 -6.36 -17.45 12.23
C ASP A 62 -7.88 -17.36 12.22
N GLU A 63 -8.56 -18.44 11.81
CA GLU A 63 -10.01 -18.38 11.63
C GLU A 63 -10.71 -18.02 12.95
N ALA A 64 -10.21 -18.57 14.07
CA ALA A 64 -10.86 -18.35 15.37
C ALA A 64 -10.79 -16.85 15.74
N LEU A 65 -9.64 -16.19 15.48
CA LEU A 65 -9.47 -14.76 15.71
C LEU A 65 -10.41 -13.96 14.81
N MET A 66 -10.47 -14.30 13.50
CA MET A 66 -11.27 -13.52 12.59
C MET A 66 -12.77 -13.69 12.94
N GLU A 67 -13.14 -14.89 13.38
CA GLU A 67 -14.52 -15.15 13.83
C GLU A 67 -14.86 -14.24 15.02
N ARG A 68 -13.94 -14.10 15.98
CA ARG A 68 -14.15 -13.21 17.09
C ARG A 68 -14.34 -11.79 16.63
N VAL A 69 -13.50 -11.34 15.68
CA VAL A 69 -13.59 -9.98 15.19
C VAL A 69 -14.99 -9.67 14.64
N PHE A 70 -15.54 -10.57 13.83
CA PHE A 70 -16.82 -10.37 13.18
C PHE A 70 -17.96 -10.60 14.18
N ALA A 71 -17.78 -11.54 15.15
CA ALA A 71 -18.84 -11.82 16.13
C ALA A 71 -18.96 -10.65 17.13
N GLU A 72 -17.84 -9.99 17.46
CA GLU A 72 -17.82 -8.96 18.51
C GLU A 72 -18.15 -7.57 17.97
N ASN A 73 -18.22 -7.35 16.65
CA ASN A 73 -18.31 -6.02 16.04
C ASN A 73 -19.29 -6.06 14.88
N ASN A 74 -19.91 -4.90 14.58
CA ASN A 74 -20.80 -4.82 13.46
C ASN A 74 -20.07 -4.11 12.32
N ILE A 75 -19.44 -4.88 11.44
CA ILE A 75 -18.58 -4.33 10.46
C ILE A 75 -19.34 -4.05 9.16
N ASP A 76 -19.13 -2.86 8.55
CA ASP A 76 -19.77 -2.45 7.32
C ASP A 76 -18.87 -2.71 6.11
N TRP A 77 -17.62 -2.31 6.26
CA TRP A 77 -16.63 -2.39 5.20
C TRP A 77 -15.38 -3.07 5.75
N VAL A 78 -14.66 -3.73 4.84
CA VAL A 78 -13.30 -4.24 5.14
C VAL A 78 -12.32 -3.63 4.13
N ILE A 79 -11.17 -3.16 4.62
CA ILE A 79 -10.05 -2.82 3.78
C ILE A 79 -8.93 -3.83 4.10
N HIS A 80 -8.60 -4.60 3.07
CA HIS A 80 -7.65 -5.73 3.25
C HIS A 80 -6.23 -5.33 2.81
N PHE A 81 -5.46 -4.75 3.74
CA PHE A 81 -4.05 -4.37 3.51
C PHE A 81 -3.10 -5.52 3.89
N ALA A 82 -3.56 -6.48 4.72
CA ALA A 82 -2.62 -7.46 5.25
C ALA A 82 -2.01 -8.27 4.11
N GLY A 83 -0.68 -8.28 4.06
CA GLY A 83 0.03 -8.94 3.02
C GLY A 83 1.52 -8.74 3.16
N LEU A 84 2.33 -9.63 2.53
CA LEU A 84 3.79 -9.40 2.32
C LEU A 84 3.95 -8.79 0.94
N LYS A 85 4.87 -7.84 0.86
CA LYS A 85 4.82 -6.89 -0.25
C LYS A 85 6.16 -6.61 -0.98
N ALA A 86 7.26 -7.36 -0.72
CA ALA A 86 8.51 -7.11 -1.41
C ALA A 86 8.70 -7.98 -2.67
N VAL A 87 8.68 -7.34 -3.84
CA VAL A 87 8.88 -8.02 -5.15
C VAL A 87 10.10 -8.95 -5.09
N GLY A 88 11.25 -8.43 -4.62
CA GLY A 88 12.49 -9.25 -4.66
C GLY A 88 12.48 -10.42 -3.73
N GLU A 89 12.01 -10.19 -2.50
CA GLU A 89 11.90 -11.25 -1.49
C GLU A 89 10.92 -12.34 -1.98
N SER A 90 9.87 -11.93 -2.70
CA SER A 90 8.87 -12.89 -3.18
C SER A 90 9.47 -13.93 -4.13
N VAL A 91 10.42 -13.50 -4.93
CA VAL A 91 11.07 -14.42 -5.90
C VAL A 91 11.82 -15.50 -5.11
N ALA A 92 12.46 -15.12 -4.02
CA ALA A 92 13.20 -16.06 -3.16
C ALA A 92 12.31 -16.86 -2.22
N LYS A 93 11.10 -16.38 -1.85
CA LYS A 93 10.25 -17.02 -0.78
C LYS A 93 8.81 -17.16 -1.28
N PRO A 94 8.59 -17.82 -2.44
CA PRO A 94 7.28 -17.83 -3.09
C PRO A 94 6.24 -18.47 -2.13
N ILE A 95 6.60 -19.54 -1.41
CA ILE A 95 5.59 -20.21 -0.65
C ILE A 95 5.18 -19.33 0.52
N GLU A 96 6.16 -18.67 1.16
CA GLU A 96 5.78 -17.71 2.25
C GLU A 96 4.79 -16.65 1.75
N TYR A 97 5.02 -16.14 0.54
CA TYR A 97 4.18 -15.12 -0.05
C TYR A 97 2.78 -15.66 -0.40
N TYR A 98 2.74 -16.83 -1.08
CA TYR A 98 1.47 -17.39 -1.47
C TYR A 98 0.63 -17.77 -0.25
N ASP A 99 1.26 -18.39 0.75
CA ASP A 99 0.57 -18.80 1.96
C ASP A 99 0.00 -17.52 2.62
N ASN A 100 0.88 -16.61 2.99
CA ASN A 100 0.41 -15.41 3.68
C ASN A 100 -0.68 -14.68 2.89
N ASN A 101 -0.39 -14.42 1.64
CA ASN A 101 -1.22 -13.51 0.87
C ASN A 101 -2.51 -14.19 0.41
N LEU A 102 -2.44 -15.40 -0.17
CA LEU A 102 -3.65 -16.06 -0.61
C LEU A 102 -4.47 -16.56 0.56
N TYR A 103 -3.84 -17.14 1.59
CA TYR A 103 -4.65 -17.79 2.61
C TYR A 103 -5.26 -16.74 3.57
N SER A 104 -4.61 -15.57 3.80
CA SER A 104 -5.23 -14.52 4.58
C SER A 104 -6.54 -14.11 3.92
N THR A 105 -6.49 -13.88 2.61
CA THR A 105 -7.65 -13.47 1.82
C THR A 105 -8.74 -14.54 1.94
N LEU A 106 -8.38 -15.82 1.78
CA LEU A 106 -9.38 -16.85 1.80
C LEU A 106 -10.05 -16.97 3.19
N VAL A 107 -9.28 -16.86 4.27
CA VAL A 107 -9.86 -16.98 5.59
C VAL A 107 -10.79 -15.77 5.80
N LEU A 108 -10.32 -14.59 5.43
CA LEU A 108 -11.15 -13.37 5.57
C LEU A 108 -12.47 -13.48 4.80
N LEU A 109 -12.41 -13.93 3.55
CA LEU A 109 -13.63 -14.05 2.76
C LEU A 109 -14.59 -15.07 3.40
N LYS A 110 -14.07 -16.16 3.95
CA LYS A 110 -14.94 -17.17 4.51
C LYS A 110 -15.75 -16.56 5.66
N VAL A 111 -15.05 -15.80 6.51
CA VAL A 111 -15.69 -15.20 7.68
C VAL A 111 -16.64 -14.10 7.25
N MET A 112 -16.23 -13.26 6.31
CA MET A 112 -17.09 -12.19 5.81
C MET A 112 -18.40 -12.79 5.26
N LYS A 113 -18.29 -13.83 4.43
CA LYS A 113 -19.50 -14.50 3.91
C LYS A 113 -20.37 -14.98 5.05
N LYS A 114 -19.78 -15.57 6.07
CA LYS A 114 -20.57 -16.15 7.12
C LYS A 114 -21.37 -15.10 7.91
N HIS A 115 -20.86 -13.86 7.93
CA HIS A 115 -21.48 -12.78 8.65
C HIS A 115 -22.20 -11.85 7.69
N ASN A 116 -22.32 -12.21 6.40
CA ASN A 116 -22.96 -11.36 5.42
C ASN A 116 -22.34 -9.94 5.37
N VAL A 117 -21.03 -9.83 5.56
CA VAL A 117 -20.35 -8.55 5.32
C VAL A 117 -19.77 -8.64 3.92
N LYS A 118 -20.24 -7.81 3.01
CA LYS A 118 -20.01 -8.05 1.59
C LYS A 118 -19.50 -6.81 0.88
N LYS A 119 -18.74 -6.00 1.60
CA LYS A 119 -18.10 -4.83 0.99
C LYS A 119 -16.63 -4.86 1.37
N ILE A 120 -15.77 -4.93 0.35
CA ILE A 120 -14.32 -5.06 0.52
C ILE A 120 -13.61 -4.09 -0.42
N ILE A 121 -12.59 -3.41 0.12
CA ILE A 121 -11.55 -2.77 -0.68
C ILE A 121 -10.30 -3.66 -0.55
N PHE A 122 -9.79 -4.12 -1.69
CA PHE A 122 -8.57 -4.93 -1.72
C PHE A 122 -7.39 -4.07 -2.15
N SER A 123 -6.28 -4.16 -1.42
CA SER A 123 -5.07 -3.49 -1.71
C SER A 123 -4.32 -4.19 -2.86
N SER A 124 -4.68 -3.88 -4.11
CA SER A 124 -3.97 -4.46 -5.21
C SER A 124 -2.85 -3.52 -5.65
N SER A 125 -2.25 -3.75 -6.83
CA SER A 125 -0.87 -3.31 -7.09
C SER A 125 -0.69 -3.11 -8.59
N ALA A 126 0.04 -2.07 -9.00
CA ALA A 126 0.53 -1.94 -10.37
C ALA A 126 1.29 -3.20 -10.87
N THR A 127 1.78 -4.05 -9.94
CA THR A 127 2.54 -5.26 -10.34
C THR A 127 1.65 -6.23 -11.15
N VAL A 128 0.31 -6.09 -11.04
CA VAL A 128 -0.60 -6.99 -11.75
C VAL A 128 -0.53 -6.78 -13.27
N TYR A 129 0.06 -5.67 -13.71
CA TYR A 129 0.20 -5.38 -15.12
C TYR A 129 1.51 -5.96 -15.71
N GLY A 130 2.36 -6.52 -14.86
CA GLY A 130 3.66 -7.03 -15.29
C GLY A 130 4.46 -5.93 -15.99
N THR A 131 5.12 -6.28 -17.09
CA THR A 131 5.71 -5.34 -17.96
C THR A 131 4.62 -4.68 -18.79
N PRO A 132 4.34 -3.38 -18.58
CA PRO A 132 3.08 -2.80 -19.05
C PRO A 132 3.02 -2.83 -20.56
N LYS A 133 1.83 -3.22 -21.02
CA LYS A 133 1.49 -3.27 -22.43
C LYS A 133 1.50 -1.83 -23.01
N GLU A 134 1.14 -0.83 -22.21
CA GLU A 134 1.26 0.57 -22.69
C GLU A 134 1.47 1.47 -21.48
N LEU A 135 1.97 2.69 -21.71
CA LEU A 135 2.16 3.69 -20.68
C LEU A 135 1.54 4.99 -21.17
N PRO A 136 0.84 5.74 -20.31
CA PRO A 136 0.55 5.38 -18.94
C PRO A 136 -0.47 4.22 -18.90
N ILE A 137 -0.55 3.56 -17.75
CA ILE A 137 -1.40 2.42 -17.55
C ILE A 137 -2.80 2.87 -17.18
N THR A 138 -3.82 2.32 -17.87
CA THR A 138 -5.21 2.56 -17.50
C THR A 138 -5.80 1.28 -16.92
N GLU A 139 -7.05 1.35 -16.48
CA GLU A 139 -7.73 0.13 -16.02
C GLU A 139 -8.08 -0.78 -17.21
N GLU A 140 -7.94 -0.31 -18.45
CA GLU A 140 -8.13 -1.18 -19.65
C GLU A 140 -6.82 -1.85 -20.10
N THR A 141 -5.69 -1.48 -19.52
CA THR A 141 -4.43 -2.12 -19.84
C THR A 141 -4.49 -3.57 -19.39
N PRO A 142 -4.13 -4.54 -20.25
CA PRO A 142 -4.31 -5.94 -19.86
C PRO A 142 -3.44 -6.24 -18.64
N THR A 143 -3.95 -7.14 -17.78
CA THR A 143 -3.18 -7.65 -16.65
C THR A 143 -2.44 -8.91 -17.10
N GLY A 144 -1.49 -9.39 -16.27
CA GLY A 144 -0.79 -10.63 -16.53
C GLY A 144 0.64 -10.36 -16.93
N GLY A 145 1.37 -11.44 -17.25
CA GLY A 145 2.78 -11.29 -17.44
C GLY A 145 3.51 -10.91 -16.16
N THR A 146 2.93 -11.26 -15.01
CA THR A 146 3.55 -10.90 -13.73
C THR A 146 4.95 -11.49 -13.62
N THR A 147 5.85 -10.76 -12.97
CA THR A 147 7.30 -11.06 -13.02
C THR A 147 7.81 -11.61 -11.71
N ASN A 148 6.94 -11.81 -10.73
CA ASN A 148 7.40 -12.15 -9.39
C ASN A 148 6.19 -12.66 -8.64
N PRO A 149 6.38 -13.56 -7.67
CA PRO A 149 5.27 -14.14 -6.94
C PRO A 149 4.39 -13.15 -6.17
N TYR A 150 4.97 -12.03 -5.75
CA TYR A 150 4.13 -11.03 -5.09
C TYR A 150 3.01 -10.54 -6.04
N GLY A 151 3.42 -10.02 -7.20
CA GLY A 151 2.54 -9.54 -8.22
C GLY A 151 1.58 -10.63 -8.66
N THR A 152 2.07 -11.88 -8.85
CA THR A 152 1.22 -12.96 -9.21
C THR A 152 0.13 -13.15 -8.13
N SER A 153 0.53 -13.09 -6.85
CA SER A 153 -0.38 -13.27 -5.75
C SER A 153 -1.47 -12.21 -5.77
N LYS A 154 -1.08 -10.96 -6.06
CA LYS A 154 -2.11 -9.90 -6.16
C LYS A 154 -3.08 -10.22 -7.30
N LEU A 155 -2.61 -10.64 -8.47
CA LEU A 155 -3.51 -10.89 -9.60
C LEU A 155 -4.41 -12.11 -9.29
N PHE A 156 -3.86 -13.11 -8.62
CA PHE A 156 -4.64 -14.25 -8.17
C PHE A 156 -5.79 -13.81 -7.24
N GLN A 157 -5.46 -12.93 -6.28
CA GLN A 157 -6.42 -12.49 -5.32
C GLN A 157 -7.52 -11.72 -6.04
N GLU A 158 -7.16 -10.88 -6.96
CA GLU A 158 -8.18 -10.13 -7.74
C GLU A 158 -9.20 -11.08 -8.38
N GLN A 159 -8.70 -12.19 -8.97
CA GLN A 159 -9.55 -13.13 -9.61
C GLN A 159 -10.42 -13.87 -8.59
N ILE A 160 -9.88 -14.23 -7.41
CA ILE A 160 -10.63 -14.89 -6.40
C ILE A 160 -11.82 -13.97 -6.03
N LEU A 161 -11.52 -12.68 -5.82
CA LEU A 161 -12.58 -11.74 -5.46
C LEU A 161 -13.63 -11.59 -6.57
N ARG A 162 -13.21 -11.48 -7.82
CA ARG A 162 -14.14 -11.44 -8.94
C ARG A 162 -15.08 -12.66 -8.88
N ASP A 163 -14.51 -13.84 -8.60
CA ASP A 163 -15.29 -15.11 -8.56
C ASP A 163 -16.28 -15.13 -7.37
N VAL A 164 -15.95 -14.46 -6.24
CA VAL A 164 -16.90 -14.30 -5.13
C VAL A 164 -18.14 -13.54 -5.64
N HIS A 165 -17.91 -12.49 -6.41
CA HIS A 165 -19.01 -11.67 -6.97
C HIS A 165 -19.83 -12.44 -8.03
N VAL A 166 -19.18 -13.31 -8.83
CA VAL A 166 -19.94 -14.18 -9.72
C VAL A 166 -20.90 -15.05 -8.94
N ALA A 167 -20.45 -15.63 -7.83
CA ALA A 167 -21.21 -16.54 -7.07
C ALA A 167 -22.24 -15.82 -6.20
N ASP A 168 -21.99 -14.55 -5.86
CA ASP A 168 -22.95 -13.79 -5.04
C ASP A 168 -22.87 -12.32 -5.44
N PRO A 169 -23.64 -11.92 -6.47
CA PRO A 169 -23.50 -10.58 -7.05
C PRO A 169 -24.08 -9.45 -6.16
N SER A 170 -24.38 -9.76 -4.91
CA SER A 170 -24.72 -8.72 -3.97
C SER A 170 -23.45 -8.07 -3.38
N TRP A 171 -22.25 -8.65 -3.63
CA TRP A 171 -21.02 -8.06 -3.13
C TRP A 171 -20.67 -6.74 -3.83
N THR A 172 -19.96 -5.90 -3.08
CA THR A 172 -19.21 -4.78 -3.58
C THR A 172 -17.71 -5.13 -3.39
N ILE A 173 -17.01 -5.20 -4.49
CA ILE A 173 -15.57 -5.51 -4.56
C ILE A 173 -14.89 -4.31 -5.19
N VAL A 174 -13.97 -3.68 -4.46
CA VAL A 174 -13.21 -2.60 -5.03
C VAL A 174 -11.75 -3.01 -5.09
N LEU A 175 -11.24 -3.17 -6.32
CA LEU A 175 -9.83 -3.50 -6.55
C LEU A 175 -9.08 -2.19 -6.80
N LEU A 176 -8.33 -1.75 -5.79
CA LEU A 176 -7.49 -0.55 -5.91
C LEU A 176 -6.07 -1.00 -6.22
N ARG A 177 -5.62 -0.62 -7.40
CA ARG A 177 -4.26 -0.94 -7.83
C ARG A 177 -3.38 0.25 -7.45
N TYR A 178 -2.77 0.21 -6.27
CA TYR A 178 -1.86 1.27 -5.89
C TYR A 178 -0.60 1.22 -6.73
N PHE A 179 -0.04 2.39 -7.01
CA PHE A 179 1.31 2.50 -7.56
C PHE A 179 2.26 2.57 -6.35
N ASN A 180 3.08 3.61 -6.18
CA ASN A 180 4.17 3.50 -5.15
C ASN A 180 4.04 4.60 -4.10
N PRO A 181 3.33 4.34 -2.99
CA PRO A 181 3.16 5.35 -1.94
C PRO A 181 4.48 5.65 -1.20
N VAL A 182 4.65 6.93 -0.84
CA VAL A 182 5.80 7.52 -0.21
C VAL A 182 5.28 8.60 0.75
N GLY A 183 5.99 8.84 1.83
CA GLY A 183 5.83 10.02 2.61
C GLY A 183 5.18 9.73 3.93
N ALA A 184 4.68 10.78 4.61
CA ALA A 184 4.23 10.67 5.97
C ALA A 184 3.19 11.77 6.27
N HIS A 185 2.34 11.48 7.24
CA HIS A 185 1.36 12.45 7.75
C HIS A 185 2.11 13.73 8.14
N GLU A 186 1.47 14.88 7.91
CA GLU A 186 2.17 16.20 8.05
C GLU A 186 2.73 16.39 9.47
N SER A 187 2.14 15.75 10.47
CA SER A 187 2.56 15.89 11.91
C SER A 187 3.97 15.37 12.16
N GLY A 188 4.39 14.41 11.35
CA GLY A 188 5.66 13.72 11.57
C GLY A 188 5.60 12.77 12.73
N LEU A 189 4.39 12.50 13.25
CA LEU A 189 4.25 11.62 14.43
C LEU A 189 4.05 10.14 13.99
N LEU A 190 3.89 9.95 12.69
CA LEU A 190 3.67 8.65 12.06
C LEU A 190 4.33 8.66 10.69
N GLY A 191 4.83 7.50 10.27
CA GLY A 191 5.45 7.38 8.97
C GLY A 191 5.75 5.93 8.66
N GLU A 192 6.54 5.70 7.61
CA GLU A 192 6.85 4.36 7.20
C GLU A 192 7.92 3.75 8.12
N ASP A 193 7.58 2.68 8.82
CA ASP A 193 8.53 2.06 9.76
C ASP A 193 8.50 0.54 9.64
N PRO A 194 9.10 -0.03 8.58
CA PRO A 194 9.12 -1.48 8.46
C PRO A 194 10.06 -2.06 9.52
N LYS A 195 9.96 -3.38 9.73
CA LYS A 195 10.89 -4.09 10.58
C LYS A 195 12.07 -4.53 9.71
N GLY A 196 13.28 -4.53 10.28
CA GLY A 196 14.49 -4.91 9.54
C GLY A 196 14.98 -3.78 8.65
N ILE A 197 15.84 -4.13 7.70
CA ILE A 197 16.29 -3.21 6.65
C ILE A 197 15.12 -2.94 5.71
N PRO A 198 14.75 -1.68 5.45
CA PRO A 198 13.63 -1.42 4.55
C PRO A 198 13.85 -2.00 3.17
N ALA A 199 12.81 -2.67 2.66
CA ALA A 199 12.84 -3.24 1.33
C ALA A 199 12.41 -2.21 0.26
N ASN A 200 11.62 -1.21 0.65
CA ASN A 200 11.20 -0.18 -0.30
C ASN A 200 12.26 0.94 -0.40
N LEU A 201 12.26 1.65 -1.53
CA LEU A 201 13.31 2.64 -1.83
C LEU A 201 13.31 3.78 -0.83
N THR A 202 12.14 4.43 -0.65
CA THR A 202 12.17 5.74 0.05
C THR A 202 12.45 5.60 1.55
N PRO A 203 11.97 4.59 2.31
CA PRO A 203 12.36 4.48 3.71
C PRO A 203 13.87 4.22 3.83
N TYR A 204 14.47 3.53 2.84
CA TYR A 204 15.91 3.29 2.84
C TYR A 204 16.64 4.62 2.61
N VAL A 205 16.16 5.39 1.62
CA VAL A 205 16.78 6.67 1.28
C VAL A 205 16.66 7.62 2.49
N ALA A 206 15.49 7.63 3.13
CA ALA A 206 15.30 8.50 4.29
C ALA A 206 16.30 8.15 5.39
N LYS A 207 16.55 6.85 5.62
CA LYS A 207 17.52 6.44 6.61
C LYS A 207 18.95 6.81 6.23
N VAL A 208 19.32 6.76 4.93
CA VAL A 208 20.66 7.15 4.56
C VAL A 208 20.81 8.66 4.78
N ALA A 209 19.76 9.41 4.45
CA ALA A 209 19.77 10.89 4.56
C ALA A 209 20.09 11.31 6.00
N VAL A 210 19.53 10.62 6.98
CA VAL A 210 19.70 11.00 8.37
C VAL A 210 20.83 10.23 9.04
N GLY A 211 21.63 9.46 8.28
CA GLY A 211 22.79 8.75 8.79
C GLY A 211 22.51 7.43 9.51
N GLU A 212 21.30 6.85 9.36
CA GLU A 212 21.00 5.57 10.02
C GLU A 212 21.37 4.36 9.13
N LEU A 213 21.50 4.57 7.83
CA LEU A 213 22.07 3.56 6.94
C LEU A 213 23.18 4.24 6.13
N LYS A 214 24.09 3.43 5.59
CA LYS A 214 25.31 4.01 4.99
C LYS A 214 25.13 4.51 3.55
N GLU A 215 24.44 3.76 2.68
CA GLU A 215 24.52 4.00 1.20
C GLU A 215 23.27 3.45 0.55
N VAL A 216 22.60 4.26 -0.28
CA VAL A 216 21.51 3.81 -1.08
C VAL A 216 22.00 2.78 -2.10
N GLN A 217 21.32 1.63 -2.16
CA GLN A 217 21.65 0.55 -3.10
C GLN A 217 20.73 0.71 -4.31
N VAL A 218 21.25 1.15 -5.48
CA VAL A 218 20.39 1.36 -6.63
C VAL A 218 20.41 0.08 -7.47
N TYR A 219 19.25 -0.60 -7.57
CA TYR A 219 19.19 -1.91 -8.16
C TYR A 219 19.05 -1.84 -9.66
N GLY A 220 20.19 -1.77 -10.36
CA GLY A 220 20.25 -1.79 -11.83
C GLY A 220 20.27 -0.40 -12.43
N ASP A 221 21.17 -0.19 -13.41
CA ASP A 221 21.17 1.05 -14.19
C ASP A 221 21.16 0.75 -15.70
N ASP A 222 20.64 -0.41 -16.06
CA ASP A 222 20.63 -0.81 -17.48
C ASP A 222 19.19 -1.08 -17.95
N TYR A 223 18.19 -0.52 -17.28
CA TYR A 223 16.81 -0.63 -17.76
C TYR A 223 16.61 0.33 -18.94
N ASP A 224 15.58 0.05 -19.75
CA ASP A 224 15.23 0.89 -20.90
C ASP A 224 14.45 2.12 -20.42
N THR A 225 15.16 3.01 -19.72
CA THR A 225 14.65 4.23 -19.15
C THR A 225 15.67 5.32 -19.44
N PRO A 226 15.31 6.61 -19.33
CA PRO A 226 16.26 7.68 -19.65
C PRO A 226 17.60 7.59 -18.92
N ASP A 227 17.60 7.29 -17.61
CA ASP A 227 18.87 7.20 -16.90
C ASP A 227 19.26 5.76 -16.55
N GLY A 228 18.48 4.80 -16.99
CA GLY A 228 18.83 3.43 -16.79
C GLY A 228 18.25 2.82 -15.50
N THR A 229 17.79 3.65 -14.56
CA THR A 229 17.26 3.13 -13.27
C THR A 229 15.73 3.00 -13.38
N GLY A 230 15.12 2.17 -12.51
CA GLY A 230 13.69 1.98 -12.51
C GLY A 230 12.90 3.27 -12.40
N VAL A 231 11.77 3.32 -13.14
CA VAL A 231 10.82 4.42 -13.08
C VAL A 231 9.50 3.95 -12.45
N ARG A 232 9.00 4.75 -11.53
CA ARG A 232 7.78 4.42 -10.83
C ARG A 232 6.96 5.70 -10.65
N ASP A 233 5.66 5.47 -10.43
CA ASP A 233 4.71 6.52 -10.09
C ASP A 233 4.56 6.57 -8.58
N TYR A 234 5.28 7.51 -7.97
CA TYR A 234 5.23 7.75 -6.58
C TYR A 234 3.98 8.58 -6.26
N ILE A 235 3.30 8.16 -5.23
CA ILE A 235 2.05 8.81 -4.74
C ILE A 235 2.19 9.07 -3.25
N HIS A 236 1.85 10.31 -2.82
CA HIS A 236 1.91 10.60 -1.44
C HIS A 236 0.93 9.71 -0.67
N VAL A 237 1.40 9.12 0.42
CA VAL A 237 0.63 8.15 1.17
C VAL A 237 -0.67 8.78 1.71
N VAL A 238 -0.62 10.08 2.00
CA VAL A 238 -1.85 10.78 2.45
C VAL A 238 -2.88 10.87 1.31
N ASP A 239 -2.48 11.19 0.08
CA ASP A 239 -3.37 11.17 -1.05
C ASP A 239 -3.95 9.75 -1.20
N LEU A 240 -3.09 8.73 -1.08
CA LEU A 240 -3.58 7.35 -1.29
C LEU A 240 -4.61 7.00 -0.21
N ALA A 241 -4.36 7.38 1.05
CA ALA A 241 -5.25 7.16 2.16
C ALA A 241 -6.60 7.83 1.86
N LYS A 242 -6.54 9.09 1.40
CA LYS A 242 -7.79 9.83 1.07
C LYS A 242 -8.60 9.09 -0.02
N GLY A 243 -7.91 8.41 -0.94
CA GLY A 243 -8.55 7.65 -2.00
C GLY A 243 -9.48 6.60 -1.42
N HIS A 244 -9.08 5.98 -0.29
CA HIS A 244 -9.88 4.96 0.30
C HIS A 244 -11.17 5.56 0.88
N VAL A 245 -11.03 6.76 1.46
CA VAL A 245 -12.22 7.41 2.02
C VAL A 245 -13.17 7.73 0.87
N ALA A 246 -12.66 8.21 -0.26
CA ALA A 246 -13.47 8.54 -1.43
C ALA A 246 -14.25 7.32 -1.94
N VAL A 247 -13.60 6.15 -1.99
CA VAL A 247 -14.34 4.92 -2.34
C VAL A 247 -15.54 4.74 -1.40
N ILE A 248 -15.31 4.75 -0.09
CA ILE A 248 -16.34 4.39 0.84
C ILE A 248 -17.42 5.49 0.82
N ASP A 249 -17.00 6.73 0.59
CA ASP A 249 -17.97 7.86 0.50
C ASP A 249 -18.88 7.71 -0.74
N HIS A 250 -18.40 7.17 -1.85
CA HIS A 250 -19.07 7.25 -3.11
C HIS A 250 -19.65 5.91 -3.61
N ILE A 251 -19.13 4.76 -3.16
CA ILE A 251 -19.59 3.47 -3.75
C ILE A 251 -20.51 2.80 -2.72
N ASP A 252 -21.81 2.74 -3.04
CA ASP A 252 -22.70 2.06 -2.15
C ASP A 252 -23.64 1.19 -2.97
N LYS A 253 -23.10 0.51 -3.96
CA LYS A 253 -23.86 -0.43 -4.75
C LYS A 253 -22.99 -1.66 -4.99
N GLU A 254 -23.66 -2.70 -5.48
CA GLU A 254 -22.99 -3.94 -5.74
C GLU A 254 -22.18 -3.82 -7.02
N GLY A 255 -21.16 -4.69 -7.14
CA GLY A 255 -20.39 -4.72 -8.32
C GLY A 255 -18.90 -4.89 -8.04
N VAL A 256 -18.16 -5.03 -9.14
CA VAL A 256 -16.67 -5.09 -9.17
C VAL A 256 -16.22 -3.74 -9.76
N PHE A 257 -15.41 -3.02 -8.98
CA PHE A 257 -14.90 -1.72 -9.41
C PHE A 257 -13.38 -1.68 -9.34
N VAL A 258 -12.73 -1.18 -10.37
CA VAL A 258 -11.27 -1.22 -10.49
C VAL A 258 -10.74 0.22 -10.63
N TYR A 259 -9.76 0.61 -9.84
CA TYR A 259 -9.12 1.92 -9.95
C TYR A 259 -7.61 1.81 -9.83
N ASN A 260 -6.88 2.46 -10.75
CA ASN A 260 -5.47 2.75 -10.57
C ASN A 260 -5.34 3.99 -9.68
N LEU A 261 -4.56 3.85 -8.61
CA LEU A 261 -4.30 5.01 -7.74
C LEU A 261 -2.81 5.35 -7.83
N GLY A 262 -2.57 6.41 -8.62
CA GLY A 262 -1.27 7.00 -8.87
C GLY A 262 -1.41 8.48 -9.22
N THR A 263 -0.27 9.13 -9.50
CA THR A 263 -0.20 10.56 -9.86
C THR A 263 -0.13 10.78 -11.36
N GLY A 264 0.34 9.78 -12.10
CA GLY A 264 0.68 9.98 -13.48
C GLY A 264 2.09 10.56 -13.72
N HIS A 265 2.84 10.86 -12.65
CA HIS A 265 4.21 11.36 -12.77
C HIS A 265 5.21 10.25 -12.46
N GLY A 266 6.02 9.84 -13.43
CA GLY A 266 7.02 8.82 -13.16
C GLY A 266 8.35 9.46 -12.77
N TYR A 267 9.04 8.89 -11.79
CA TYR A 267 10.37 9.35 -11.40
C TYR A 267 11.31 8.14 -11.35
N SER A 268 12.54 8.31 -11.82
CA SER A 268 13.57 7.25 -11.70
C SER A 268 14.11 7.19 -10.28
N VAL A 269 14.88 6.12 -10.02
CA VAL A 269 15.48 5.99 -8.70
C VAL A 269 16.39 7.21 -8.40
N LEU A 270 17.24 7.54 -9.38
CA LEU A 270 18.18 8.67 -9.27
C LEU A 270 17.42 9.98 -9.02
N GLU A 271 16.26 10.16 -9.64
CA GLU A 271 15.47 11.36 -9.43
C GLU A 271 14.90 11.40 -8.02
N VAL A 272 14.52 10.23 -7.49
CA VAL A 272 14.05 10.17 -6.14
C VAL A 272 15.17 10.60 -5.17
N ILE A 273 16.38 10.08 -5.39
CA ILE A 273 17.46 10.40 -4.51
C ILE A 273 17.66 11.94 -4.56
N LYS A 274 17.61 12.50 -5.75
CA LYS A 274 17.83 13.95 -5.93
C LYS A 274 16.75 14.72 -5.18
N ALA A 275 15.50 14.25 -5.22
CA ALA A 275 14.43 14.94 -4.44
C ALA A 275 14.74 14.89 -2.96
N TYR A 276 15.26 13.75 -2.48
CA TYR A 276 15.63 13.71 -1.07
C TYR A 276 16.84 14.61 -0.75
N GLU A 277 17.79 14.72 -1.68
CA GLU A 277 18.97 15.58 -1.48
C GLU A 277 18.52 17.03 -1.36
N LYS A 278 17.51 17.40 -2.16
CA LYS A 278 16.96 18.73 -2.11
C LYS A 278 16.29 18.96 -0.77
N ALA A 279 15.53 17.97 -0.29
CA ALA A 279 14.85 18.06 0.99
C ALA A 279 15.86 18.06 2.15
N ALA A 280 16.98 17.35 2.02
CA ALA A 280 17.92 17.23 3.12
C ALA A 280 18.94 18.37 3.12
N GLY A 281 19.24 18.93 1.96
CA GLY A 281 20.28 19.94 1.77
C GLY A 281 21.69 19.40 1.75
N HIS A 282 21.86 18.12 1.40
CA HIS A 282 23.19 17.55 1.25
C HIS A 282 23.11 16.32 0.35
N PRO A 283 24.25 15.88 -0.23
CA PRO A 283 24.28 14.64 -0.99
C PRO A 283 23.93 13.45 -0.09
N ILE A 284 23.29 12.48 -0.73
CA ILE A 284 22.93 11.24 -0.13
C ILE A 284 23.71 10.16 -0.89
N PRO A 285 24.66 9.46 -0.24
CA PRO A 285 25.51 8.53 -0.95
C PRO A 285 24.69 7.37 -1.55
N TYR A 286 25.03 7.00 -2.77
CA TYR A 286 24.41 5.87 -3.43
C TYR A 286 25.47 5.15 -4.27
N ALA A 287 25.17 3.89 -4.57
CA ALA A 287 25.99 3.01 -5.42
C ALA A 287 25.08 2.23 -6.34
N ILE A 288 25.57 2.04 -7.56
CA ILE A 288 24.91 1.21 -8.54
C ILE A 288 25.18 -0.27 -8.21
N LYS A 289 24.09 -1.04 -8.08
CA LYS A 289 24.14 -2.45 -7.79
C LYS A 289 23.43 -3.25 -8.87
N PRO A 290 23.56 -4.59 -8.85
CA PRO A 290 22.87 -5.42 -9.84
C PRO A 290 21.35 -5.27 -9.67
N ARG A 291 20.65 -5.59 -10.75
CA ARG A 291 19.17 -5.66 -10.75
C ARG A 291 18.70 -6.55 -9.62
N ARG A 292 17.56 -6.18 -9.03
CA ARG A 292 16.85 -7.00 -8.08
C ARG A 292 15.90 -7.90 -8.86
N PRO A 293 15.83 -9.20 -8.56
CA PRO A 293 14.89 -10.09 -9.25
C PRO A 293 13.45 -9.59 -9.11
N GLY A 294 12.74 -9.65 -10.25
CA GLY A 294 11.34 -9.33 -10.30
C GLY A 294 11.02 -7.91 -10.74
N ASP A 295 12.01 -7.00 -10.70
CA ASP A 295 11.76 -5.58 -11.02
C ASP A 295 11.60 -5.40 -12.53
N ILE A 296 10.69 -4.49 -12.91
CA ILE A 296 10.51 -4.07 -14.27
C ILE A 296 11.06 -2.66 -14.41
N ALA A 297 11.17 -2.23 -15.65
CA ALA A 297 11.80 -0.97 -16.00
C ALA A 297 10.93 0.20 -15.54
N ALA A 298 9.66 0.22 -15.94
CA ALA A 298 8.87 1.48 -15.79
C ALA A 298 7.37 1.21 -15.71
N CYS A 299 6.70 1.85 -14.74
CA CYS A 299 5.26 1.82 -14.67
C CYS A 299 4.78 3.12 -14.01
N TYR A 300 3.69 3.69 -14.58
CA TYR A 300 3.01 4.79 -13.97
C TYR A 300 1.57 4.84 -14.51
N ALA A 301 0.71 5.58 -13.80
CA ALA A 301 -0.73 5.46 -13.88
C ALA A 301 -1.36 6.63 -14.65
N ASP A 302 -2.41 6.31 -15.40
CA ASP A 302 -3.48 7.26 -15.75
C ASP A 302 -4.64 7.04 -14.78
N ALA A 303 -4.83 7.99 -13.86
CA ALA A 303 -5.82 7.86 -12.79
C ALA A 303 -7.06 8.77 -13.07
N SER A 304 -7.35 8.97 -14.35
CA SER A 304 -8.53 9.72 -14.81
C SER A 304 -9.81 9.10 -14.25
N LYS A 305 -9.86 7.76 -14.25
CA LYS A 305 -11.10 7.09 -13.86
C LYS A 305 -11.48 7.42 -12.41
N ALA A 306 -10.52 7.34 -11.50
CA ALA A 306 -10.77 7.67 -10.12
C ALA A 306 -11.12 9.16 -9.93
N GLU A 307 -10.55 10.01 -10.76
CA GLU A 307 -10.93 11.43 -10.67
C GLU A 307 -12.40 11.60 -11.09
N LYS A 308 -12.80 11.01 -12.19
CA LYS A 308 -14.20 11.12 -12.66
C LYS A 308 -15.20 10.49 -11.70
N GLU A 309 -14.95 9.21 -11.32
CA GLU A 309 -15.89 8.45 -10.57
C GLU A 309 -15.89 8.77 -9.09
N LEU A 310 -14.74 9.12 -8.50
CA LEU A 310 -14.63 9.29 -7.03
C LEU A 310 -14.32 10.74 -6.62
N GLY A 311 -14.14 11.60 -7.61
CA GLY A 311 -13.76 12.98 -7.33
C GLY A 311 -12.37 13.13 -6.73
N TRP A 312 -11.50 12.12 -6.92
CA TRP A 312 -10.22 12.06 -6.20
C TRP A 312 -9.02 12.21 -7.13
N LYS A 313 -8.04 13.04 -6.71
CA LYS A 313 -6.79 13.19 -7.40
C LYS A 313 -5.66 13.30 -6.38
N ALA A 314 -4.49 12.76 -6.77
CA ALA A 314 -3.31 12.80 -5.92
C ALA A 314 -2.38 13.88 -6.48
N GLU A 315 -2.35 15.01 -5.80
CA GLU A 315 -1.63 16.19 -6.26
C GLU A 315 -0.43 16.54 -5.39
N LEU A 316 -0.29 15.96 -4.20
CA LEU A 316 0.96 16.19 -3.43
C LEU A 316 2.13 15.75 -4.33
N THR A 317 3.25 16.49 -4.25
CA THR A 317 4.36 16.34 -5.16
C THR A 317 5.47 15.47 -4.56
N ILE A 318 6.43 15.13 -5.40
CA ILE A 318 7.63 14.34 -5.00
C ILE A 318 8.37 15.10 -3.89
N ASP A 319 8.33 16.45 -3.95
CA ASP A 319 8.96 17.25 -2.88
C ASP A 319 8.17 17.14 -1.58
N ASP A 320 6.83 17.17 -1.66
CA ASP A 320 6.01 16.93 -0.49
C ASP A 320 6.29 15.54 0.12
N MET A 321 6.44 14.55 -0.75
CA MET A 321 6.71 13.17 -0.32
C MET A 321 8.04 13.13 0.46
N ALA A 322 9.12 13.59 -0.19
CA ALA A 322 10.47 13.56 0.39
C ALA A 322 10.49 14.37 1.68
N ALA A 323 9.93 15.60 1.65
CA ALA A 323 10.00 16.45 2.84
C ALA A 323 9.23 15.82 4.01
N SER A 324 8.02 15.27 3.76
CA SER A 324 7.25 14.72 4.84
C SER A 324 7.95 13.47 5.38
N SER A 325 8.56 12.71 4.46
CA SER A 325 9.34 11.50 4.84
C SER A 325 10.48 11.87 5.79
N LEU A 326 11.27 12.85 5.38
CA LEU A 326 12.44 13.26 6.21
C LEU A 326 12.00 13.85 7.54
N ASN A 327 10.86 14.55 7.54
CA ASN A 327 10.31 15.18 8.78
C ASN A 327 10.02 14.09 9.82
N TRP A 328 9.34 13.02 9.37
CA TRP A 328 9.11 11.85 10.19
C TRP A 328 10.45 11.20 10.63
N GLN A 329 11.38 11.02 9.67
CA GLN A 329 12.55 10.22 9.94
C GLN A 329 13.50 11.01 10.87
N THR A 330 13.54 12.34 10.70
CA THR A 330 14.40 13.21 11.53
C THR A 330 13.89 13.18 12.98
N LYS A 331 12.58 13.31 13.15
CA LYS A 331 11.93 13.21 14.48
C LYS A 331 11.95 11.80 15.07
N ASN A 332 12.17 10.75 14.27
CA ASN A 332 12.03 9.33 14.68
C ASN A 332 13.09 8.49 13.95
N PRO A 333 14.40 8.72 14.19
CA PRO A 333 15.41 8.19 13.26
C PRO A 333 15.50 6.64 13.19
N ASN A 334 15.12 6.00 14.29
CA ASN A 334 14.98 4.52 14.37
C ASN A 334 13.50 4.10 14.31
N GLY A 335 12.63 4.97 13.81
CA GLY A 335 11.20 4.66 13.75
C GLY A 335 10.58 4.60 15.14
N PHE A 336 9.76 3.57 15.40
CA PHE A 336 9.02 3.43 16.66
C PHE A 336 9.85 2.63 17.67
#